data_4AVN
#
_entry.id   4AVN
#
_cell.length_a   42.520
_cell.length_b   92.080
_cell.length_c   49.780
_cell.angle_alpha   90.00
_cell.angle_beta   111.85
_cell.angle_gamma   90.00
#
_symmetry.space_group_name_H-M   'P 1 21 1'
#
loop_
_entity.id
_entity.type
_entity.pdbx_description
1 polymer 'CELLOBIOHYDROLASE. GLYCOSYL HYDROLASE FAMILY 6'
2 branched beta-D-glucopyranose-(1-4)-beta-D-glucopyranose-(1-4)-beta-D-glucopyranose-(1-4)-beta-D-glucopyranose
3 non-polymer beta-D-glucopyranose
4 non-polymer 'CALCIUM ION'
5 water water
#
_entity_poly.entity_id   1
_entity_poly.type   'polypeptide(L)'
_entity_poly.pdbx_seq_one_letter_code
;EKVDNPFEGAKLYVNPVWSAKAAAEPGGSAVANESTAVWLDRIGAIEGNDSPTTGSMGLRDHLEEAVRQSGGDPLTIQVV
IYNLPGRACAALAANGELGPDELDRYKSEYIDPIADIMWDFADYENLRIVAIIEIDSLPNLVTNVGGNGGTELCAYMKQN
GGYVNGVGYALRKLGEIPNVYNYIDAAHHGWIGWDSNFGPSVDIFYEAANASGSTVDYVHGFISNTANYSATVEPYLDVN
GTVNGQLIRQSKWVDWNQYVDELSFVQDLRQALIAKGFRSDIGMLIDTSRNGWGGPNRPTGPSSSTDLNTYVDESRIDRR
IHPGNWCNQAGAGLGERPTVNPAPGVDAYVWVKPPGESDGASEEIPNDEGKGFDRMCDPTYQGNARNGNNPSGALPNAPI
SGHWFSAQFRELLANAYPPL
;
_entity_poly.pdbx_strand_id   A
#
# COMPACT_ATOMS: atom_id res chain seq x y z
N GLU A 1 7.31 -25.80 -0.09
CA GLU A 1 7.43 -26.06 1.38
C GLU A 1 6.93 -24.92 2.26
N LYS A 2 7.01 -23.69 1.75
CA LYS A 2 6.38 -22.55 2.43
C LYS A 2 4.86 -22.73 2.36
N VAL A 3 4.14 -22.32 3.41
CA VAL A 3 2.68 -22.49 3.41
C VAL A 3 2.03 -21.70 2.27
N ASP A 4 0.89 -22.21 1.78
CA ASP A 4 0.15 -21.60 0.67
C ASP A 4 -0.25 -20.15 1.00
N ASN A 5 -0.69 -19.92 2.24
CA ASN A 5 -1.14 -18.59 2.68
C ASN A 5 -0.58 -18.35 4.09
N PRO A 6 0.45 -17.48 4.21
CA PRO A 6 1.10 -17.25 5.51
C PRO A 6 0.19 -16.65 6.60
N PHE A 7 -0.94 -16.08 6.22
CA PHE A 7 -1.89 -15.51 7.18
C PHE A 7 -2.78 -16.59 7.81
N GLU A 8 -2.87 -17.73 7.12
CA GLU A 8 -3.75 -18.82 7.50
C GLU A 8 -3.23 -19.54 8.75
N GLY A 9 -4.10 -19.64 9.75
CA GLY A 9 -3.79 -20.32 11.00
C GLY A 9 -2.76 -19.62 11.87
N ALA A 10 -2.54 -18.33 11.63
CA ALA A 10 -1.49 -17.62 12.36
C ALA A 10 -2.03 -16.48 13.21
N LYS A 11 -1.44 -16.32 14.39
CA LYS A 11 -1.61 -15.09 15.16
C LYS A 11 -0.96 -13.95 14.38
N LEU A 12 -1.46 -12.73 14.53
CA LEU A 12 -0.89 -11.59 13.81
C LEU A 12 -0.10 -10.67 14.72
N TYR A 13 1.06 -10.23 14.25
CA TYR A 13 1.93 -9.34 15.03
C TYR A 13 1.24 -8.03 15.40
N VAL A 14 1.35 -7.64 16.67
CA VAL A 14 0.94 -6.31 17.10
C VAL A 14 2.20 -5.51 17.36
N ASN A 15 2.39 -4.48 16.55
CA ASN A 15 3.51 -3.55 16.69
C ASN A 15 3.36 -2.67 17.95
N PRO A 16 4.21 -2.88 18.99
CA PRO A 16 4.06 -2.07 20.23
C PRO A 16 4.23 -0.57 20.02
N VAL A 17 5.10 -0.19 19.08
CA VAL A 17 5.34 1.22 18.75
C VAL A 17 4.05 1.87 18.23
N TRP A 18 3.43 1.24 17.24
CA TRP A 18 2.16 1.73 16.69
C TRP A 18 1.03 1.65 17.69
N SER A 19 0.96 0.53 18.41
CA SER A 19 -0.08 0.30 19.41
C SER A 19 -0.13 1.39 20.48
N ALA A 20 1.04 1.84 20.94
CA ALA A 20 1.07 2.90 21.97
C ALA A 20 0.52 4.21 21.46
N LYS A 21 0.81 4.52 20.19
CA LYS A 21 0.35 5.74 19.57
C LYS A 21 -1.16 5.74 19.41
N ALA A 22 -1.72 4.63 18.93
CA ALA A 22 -3.18 4.48 18.80
C ALA A 22 -3.88 4.57 20.16
N ALA A 23 -3.35 3.87 21.16
CA ALA A 23 -3.91 3.83 22.52
C ALA A 23 -3.92 5.19 23.24
N ALA A 24 -2.98 6.06 22.89
CA ALA A 24 -2.91 7.40 23.48
C ALA A 24 -3.97 8.36 22.91
N GLU A 25 -4.61 7.97 21.81
CA GLU A 25 -5.72 8.74 21.25
C GLU A 25 -7.06 8.41 21.91
N PRO A 26 -7.96 9.41 22.01
CA PRO A 26 -9.29 9.18 22.60
C PRO A 26 -10.04 8.09 21.83
N GLY A 27 -10.36 7.01 22.53
CA GLY A 27 -11.06 5.86 21.94
C GLY A 27 -10.15 4.92 21.15
N GLY A 28 -8.86 5.26 21.09
CA GLY A 28 -7.89 4.50 20.26
C GLY A 28 -7.62 3.07 20.71
N SER A 29 -7.89 2.78 21.98
CA SER A 29 -7.75 1.44 22.52
C SER A 29 -8.60 0.40 21.78
N ALA A 30 -9.72 0.85 21.20
CA ALA A 30 -10.58 -0.03 20.41
C ALA A 30 -9.85 -0.70 19.23
N VAL A 31 -8.80 -0.08 18.73
CA VAL A 31 -8.04 -0.65 17.59
C VAL A 31 -6.54 -0.88 17.90
N ALA A 32 -6.13 -0.56 19.12
CA ALA A 32 -4.71 -0.59 19.50
C ALA A 32 -4.11 -2.01 19.50
N ASN A 33 -4.96 -3.04 19.56
CA ASN A 33 -4.48 -4.43 19.44
C ASN A 33 -4.62 -5.05 18.02
N GLU A 34 -4.86 -4.21 17.03
CA GLU A 34 -4.89 -4.68 15.65
C GLU A 34 -3.47 -4.81 15.10
N SER A 35 -3.29 -5.75 14.17
CA SER A 35 -2.00 -5.96 13.53
C SER A 35 -1.77 -4.98 12.39
N THR A 36 -0.61 -4.32 12.41
CA THR A 36 -0.18 -3.44 11.35
C THR A 36 1.22 -3.82 10.90
N ALA A 37 1.54 -3.53 9.64
CA ALA A 37 2.87 -3.83 9.10
C ALA A 37 3.94 -2.88 9.64
N VAL A 38 5.15 -3.42 9.80
CA VAL A 38 6.29 -2.65 10.24
C VAL A 38 7.08 -2.15 9.03
N TRP A 39 7.28 -0.83 8.93
CA TRP A 39 7.92 -0.23 7.75
C TRP A 39 9.42 -0.03 7.97
N LEU A 40 10.23 -0.48 7.01
CA LEU A 40 11.66 -0.21 7.04
C LEU A 40 11.92 0.89 6.02
N ASP A 41 11.61 2.13 6.42
CA ASP A 41 11.59 3.26 5.50
C ASP A 41 12.96 3.93 5.29
N ARG A 42 13.96 3.48 6.04
CA ARG A 42 15.32 4.07 6.04
C ARG A 42 16.28 2.96 6.42
N ILE A 43 17.54 3.08 6.01
CA ILE A 43 18.60 2.20 6.50
C ILE A 43 18.64 2.23 8.04
N GLY A 44 18.48 3.42 8.62
CA GLY A 44 18.41 3.59 10.08
C GLY A 44 17.34 2.80 10.80
N ALA A 45 16.26 2.45 10.09
CA ALA A 45 15.17 1.66 10.68
C ALA A 45 15.56 0.19 10.90
N ILE A 46 16.63 -0.24 10.23
CA ILE A 46 17.08 -1.64 10.34
C ILE A 46 17.63 -1.94 11.74
N GLU A 47 18.60 -1.12 12.18
CA GLU A 47 19.13 -1.22 13.54
C GLU A 47 18.23 -0.53 14.56
N GLY A 48 17.43 0.43 14.11
CA GLY A 48 16.59 1.23 14.99
C GLY A 48 17.22 2.61 15.12
N ASN A 49 16.41 3.65 14.97
CA ASN A 49 16.93 5.03 14.91
C ASN A 49 16.19 6.06 15.76
N ASP A 50 15.32 5.60 16.66
CA ASP A 50 14.49 6.47 17.52
C ASP A 50 13.85 7.60 16.74
N SER A 51 13.32 7.27 15.56
CA SER A 51 12.77 8.26 14.66
C SER A 51 11.27 8.47 14.92
N PRO A 52 10.71 9.56 14.40
CA PRO A 52 9.26 9.75 14.45
C PRO A 52 8.45 8.70 13.68
N THR A 53 9.07 8.04 12.71
CA THR A 53 8.36 7.06 11.88
C THR A 53 8.51 5.61 12.34
N THR A 54 9.64 5.28 12.96
CA THR A 54 9.90 3.90 13.36
C THR A 54 10.20 3.72 14.85
N GLY A 55 10.38 4.84 15.56
CA GLY A 55 10.57 4.83 17.03
C GLY A 55 11.81 4.07 17.46
N SER A 56 11.72 3.37 18.59
CA SER A 56 12.89 2.74 19.22
C SER A 56 13.23 1.32 18.80
N MET A 57 12.37 0.69 17.98
CA MET A 57 12.58 -0.71 17.63
C MET A 57 13.18 -0.86 16.23
N GLY A 58 14.31 -1.56 16.15
CA GLY A 58 14.89 -1.99 14.88
C GLY A 58 14.26 -3.30 14.44
N LEU A 59 14.70 -3.83 13.31
CA LEU A 59 14.10 -5.05 12.75
C LEU A 59 14.24 -6.25 13.70
N ARG A 60 15.44 -6.45 14.24
CA ARG A 60 15.69 -7.52 15.20
C ARG A 60 14.79 -7.42 16.44
N ASP A 61 14.64 -6.21 16.99
CA ASP A 61 13.69 -5.95 18.09
C ASP A 61 12.28 -6.43 17.75
N HIS A 62 11.82 -6.12 16.54
CA HIS A 62 10.48 -6.51 16.09
C HIS A 62 10.33 -8.02 15.92
N LEU A 63 11.36 -8.66 15.38
CA LEU A 63 11.30 -10.11 15.20
C LEU A 63 11.37 -10.86 16.54
N GLU A 64 12.19 -10.35 17.48
CA GLU A 64 12.22 -10.86 18.85
CA GLU A 64 12.21 -10.89 18.83
C GLU A 64 10.85 -10.73 19.52
N GLU A 65 10.22 -9.58 19.32
CA GLU A 65 8.88 -9.32 19.86
C GLU A 65 7.84 -10.23 19.18
N ALA A 66 8.01 -10.46 17.88
CA ALA A 66 7.15 -11.39 17.16
C ALA A 66 7.28 -12.81 17.71
N VAL A 67 8.52 -13.28 17.89
CA VAL A 67 8.77 -14.58 18.52
C VAL A 67 8.12 -14.65 19.91
N ARG A 68 8.30 -13.61 20.71
CA ARG A 68 7.68 -13.57 22.04
C ARG A 68 6.14 -13.66 21.97
N GLN A 69 5.53 -12.83 21.14
CA GLN A 69 4.08 -12.83 20.96
C GLN A 69 3.53 -14.17 20.46
N SER A 70 4.34 -14.89 19.69
CA SER A 70 3.91 -16.15 19.11
C SER A 70 3.62 -17.23 20.15
N GLY A 71 4.37 -17.23 21.25
CA GLY A 71 4.23 -18.26 22.30
C GLY A 71 4.56 -19.65 21.78
N GLY A 72 5.34 -19.72 20.71
CA GLY A 72 5.70 -21.00 20.10
C GLY A 72 4.83 -21.39 18.92
N ASP A 73 3.66 -20.75 18.81
CA ASP A 73 2.69 -21.05 17.77
C ASP A 73 2.88 -20.16 16.54
N PRO A 74 2.27 -20.54 15.38
CA PRO A 74 2.39 -19.73 14.15
C PRO A 74 1.96 -18.29 14.36
N LEU A 75 2.83 -17.37 13.96
CA LEU A 75 2.55 -15.94 14.01
C LEU A 75 3.13 -15.29 12.75
N THR A 76 2.38 -14.34 12.20
CA THR A 76 2.79 -13.65 10.98
C THR A 76 3.04 -12.16 11.24
N ILE A 77 4.24 -11.71 10.88
CA ILE A 77 4.61 -10.28 10.94
C ILE A 77 4.78 -9.75 9.51
N GLN A 78 4.28 -8.56 9.25
CA GLN A 78 4.45 -7.94 7.94
C GLN A 78 5.53 -6.87 8.03
N VAL A 79 6.46 -6.93 7.09
CA VAL A 79 7.58 -6.00 7.06
C VAL A 79 7.61 -5.35 5.69
N VAL A 80 7.53 -4.02 5.65
CA VAL A 80 7.48 -3.30 4.39
C VAL A 80 8.88 -2.90 3.97
N ILE A 81 9.28 -3.39 2.79
CA ILE A 81 10.56 -3.06 2.19
C ILE A 81 10.31 -1.82 1.35
N TYR A 82 10.90 -0.70 1.75
CA TYR A 82 10.52 0.60 1.21
C TYR A 82 11.68 1.59 1.23
N ASN A 83 12.68 1.38 0.38
CA ASN A 83 13.83 2.29 0.32
C ASN A 83 14.57 2.27 -1.01
N LEU A 84 13.84 2.01 -2.10
CA LEU A 84 14.44 2.00 -3.44
C LEU A 84 15.14 3.31 -3.78
N PRO A 85 16.22 3.22 -4.58
CA PRO A 85 16.81 4.42 -5.16
C PRO A 85 15.75 5.18 -5.97
N GLY A 86 15.71 6.50 -5.83
CA GLY A 86 14.70 7.32 -6.52
C GLY A 86 13.27 6.93 -6.15
N ARG A 87 13.10 6.53 -4.88
CA ARG A 87 11.82 6.08 -4.34
C ARG A 87 10.70 7.07 -4.63
N ALA A 88 9.55 6.52 -5.06
CA ALA A 88 8.32 7.29 -5.24
C ALA A 88 8.57 8.40 -6.24
N CYS A 89 8.98 8.02 -7.44
CA CYS A 89 9.49 8.94 -8.44
C CYS A 89 8.47 9.93 -9.00
N ALA A 90 7.17 9.62 -8.89
CA ALA A 90 6.13 10.53 -9.40
C ALA A 90 5.71 11.58 -8.38
N ALA A 91 6.15 11.43 -7.13
CA ALA A 91 5.72 12.31 -6.04
C ALA A 91 6.90 12.83 -5.21
N LEU A 92 6.61 13.69 -4.24
CA LEU A 92 7.66 14.28 -3.40
C LEU A 92 7.49 13.97 -1.90
N ALA A 93 6.30 13.50 -1.50
CA ALA A 93 5.95 13.34 -0.08
C ALA A 93 6.67 12.18 0.60
N ALA A 94 7.01 11.15 -0.17
CA ALA A 94 7.72 10.00 0.35
C ALA A 94 8.95 9.67 -0.47
N ASN A 95 9.59 10.69 -1.02
CA ASN A 95 10.97 10.54 -1.51
C ASN A 95 11.85 10.10 -0.34
N GLY A 96 12.98 9.48 -0.63
CA GLY A 96 13.78 8.89 0.44
C GLY A 96 15.24 9.32 0.44
N GLU A 97 16.03 8.60 1.24
CA GLU A 97 17.43 8.92 1.43
C GLU A 97 18.30 8.46 0.25
N LEU A 98 17.85 7.42 -0.48
CA LEU A 98 18.64 6.86 -1.58
C LEU A 98 18.23 7.50 -2.90
N GLY A 99 19.17 8.23 -3.53
CA GLY A 99 18.92 8.87 -4.81
C GLY A 99 18.85 7.88 -5.97
N PRO A 100 18.47 8.37 -7.17
CA PRO A 100 18.28 7.56 -8.37
C PRO A 100 19.46 6.68 -8.79
N ASP A 101 20.68 7.09 -8.44
CA ASP A 101 21.90 6.37 -8.86
C ASP A 101 22.48 5.43 -7.79
N GLU A 102 21.75 5.25 -6.69
CA GLU A 102 22.29 4.53 -5.53
C GLU A 102 21.79 3.08 -5.37
N LEU A 103 21.51 2.41 -6.48
CA LEU A 103 21.13 0.98 -6.41
C LEU A 103 22.16 0.13 -5.66
N ASP A 104 23.45 0.44 -5.84
CA ASP A 104 24.49 -0.34 -5.19
C ASP A 104 24.36 -0.29 -3.67
N ARG A 105 24.04 0.88 -3.14
CA ARG A 105 23.87 1.08 -1.69
C ARG A 105 22.58 0.43 -1.20
N TYR A 106 21.54 0.48 -2.02
CA TYR A 106 20.28 -0.22 -1.73
C TYR A 106 20.55 -1.71 -1.48
N LYS A 107 21.38 -2.30 -2.33
CA LYS A 107 21.74 -3.71 -2.20
C LYS A 107 22.59 -4.01 -0.96
N SER A 108 23.68 -3.26 -0.80
CA SER A 108 24.70 -3.55 0.21
CA SER A 108 24.67 -3.59 0.21
C SER A 108 24.36 -3.08 1.62
N GLU A 109 23.73 -1.92 1.72
CA GLU A 109 23.48 -1.30 3.03
C GLU A 109 22.01 -1.32 3.45
N TYR A 110 21.14 -1.75 2.55
CA TYR A 110 19.72 -1.87 2.90
C TYR A 110 19.23 -3.33 2.82
N ILE A 111 19.18 -3.91 1.62
CA ILE A 111 18.65 -5.28 1.50
C ILE A 111 19.52 -6.31 2.23
N ASP A 112 20.85 -6.21 2.10
CA ASP A 112 21.75 -7.21 2.69
C ASP A 112 21.65 -7.29 4.22
N PRO A 113 21.73 -6.14 4.94
CA PRO A 113 21.58 -6.27 6.40
C PRO A 113 20.19 -6.78 6.83
N ILE A 114 19.15 -6.42 6.08
CA ILE A 114 17.80 -6.92 6.35
C ILE A 114 17.77 -8.45 6.21
N ALA A 115 18.32 -8.93 5.09
CA ALA A 115 18.40 -10.37 4.84
C ALA A 115 19.19 -11.10 5.94
N ASP A 116 20.31 -10.50 6.35
CA ASP A 116 21.15 -11.02 7.44
C ASP A 116 20.37 -11.23 8.73
N ILE A 117 19.57 -10.24 9.10
CA ILE A 117 18.80 -10.30 10.34
C ILE A 117 17.70 -11.35 10.22
N MET A 118 17.02 -11.37 9.08
CA MET A 118 15.95 -12.33 8.83
C MET A 118 16.47 -13.77 8.86
N TRP A 119 17.67 -13.99 8.33
CA TRP A 119 18.32 -15.31 8.40
C TRP A 119 18.51 -15.79 9.84
N ASP A 120 18.77 -14.86 10.75
CA ASP A 120 18.95 -15.19 12.17
C ASP A 120 17.68 -15.76 12.82
N PHE A 121 16.53 -15.58 12.16
CA PHE A 121 15.28 -16.07 12.72
C PHE A 121 14.74 -17.28 11.94
N ALA A 122 15.56 -17.81 11.04
CA ALA A 122 15.16 -18.94 10.20
C ALA A 122 14.96 -20.21 11.01
N ASP A 123 15.49 -20.23 12.23
CA ASP A 123 15.36 -21.39 13.13
C ASP A 123 14.04 -21.41 13.91
N TYR A 124 13.22 -20.37 13.77
CA TYR A 124 11.86 -20.37 14.32
C TYR A 124 10.88 -20.85 13.26
N GLU A 125 10.52 -22.14 13.33
CA GLU A 125 9.66 -22.81 12.36
C GLU A 125 8.30 -22.14 12.19
N ASN A 126 7.78 -21.56 13.27
CA ASN A 126 6.44 -21.00 13.27
C ASN A 126 6.36 -19.47 13.07
N LEU A 127 7.52 -18.82 12.96
CA LEU A 127 7.54 -17.41 12.60
C LEU A 127 7.41 -17.26 11.09
N ARG A 128 6.41 -16.51 10.64
CA ARG A 128 6.28 -16.16 9.22
C ARG A 128 6.48 -14.67 9.01
N ILE A 129 7.37 -14.34 8.08
CA ILE A 129 7.66 -12.96 7.71
C ILE A 129 7.07 -12.68 6.33
N VAL A 130 6.07 -11.82 6.29
CA VAL A 130 5.51 -11.36 5.03
C VAL A 130 6.27 -10.07 4.67
N ALA A 131 7.03 -10.14 3.59
CA ALA A 131 7.75 -8.98 3.09
C ALA A 131 6.95 -8.31 1.99
N ILE A 132 6.50 -7.08 2.25
CA ILE A 132 5.77 -6.27 1.27
C ILE A 132 6.78 -5.47 0.47
N ILE A 133 6.92 -5.77 -0.81
CA ILE A 133 8.04 -5.26 -1.59
C ILE A 133 7.76 -3.96 -2.32
N GLU A 134 8.35 -2.88 -1.82
CA GLU A 134 8.46 -1.60 -2.54
C GLU A 134 7.17 -1.02 -3.11
N ILE A 135 6.39 -0.44 -2.18
CA ILE A 135 5.18 0.31 -2.49
C ILE A 135 5.51 1.45 -3.45
N ASP A 136 4.58 1.79 -4.34
CA ASP A 136 4.67 3.02 -5.15
C ASP A 136 5.96 3.04 -5.96
N SER A 137 6.26 1.93 -6.62
CA SER A 137 7.47 1.84 -7.43
C SER A 137 7.15 1.53 -8.89
N LEU A 138 7.12 0.25 -9.24
CA LEU A 138 6.98 -0.19 -10.63
C LEU A 138 5.82 0.43 -11.46
N PRO A 139 4.59 0.57 -10.88
CA PRO A 139 3.51 1.16 -11.67
C PRO A 139 3.83 2.56 -12.20
N ASN A 140 4.64 3.32 -11.48
CA ASN A 140 5.12 4.63 -11.92
C ASN A 140 5.83 4.57 -13.28
N LEU A 141 6.49 3.44 -13.56
CA LEU A 141 7.22 3.28 -14.80
C LEU A 141 6.30 3.02 -15.99
N VAL A 142 5.05 2.67 -15.68
CA VAL A 142 4.00 2.54 -16.69
C VAL A 142 3.27 3.88 -16.91
N THR A 143 2.88 4.53 -15.82
CA THR A 143 1.96 5.69 -15.92
C THR A 143 2.63 7.07 -15.83
N ASN A 144 3.89 7.12 -15.41
CA ASN A 144 4.58 8.39 -15.20
C ASN A 144 5.90 8.56 -15.98
N VAL A 145 6.00 7.84 -17.09
CA VAL A 145 7.13 7.92 -18.00
C VAL A 145 6.66 8.38 -19.39
N GLY A 146 7.31 9.43 -19.92
CA GLY A 146 7.01 9.90 -21.27
C GLY A 146 5.62 10.49 -21.38
N GLY A 147 5.07 10.49 -22.60
CA GLY A 147 3.76 11.08 -22.86
C GLY A 147 3.74 12.52 -22.36
N ASN A 148 2.64 12.89 -21.71
CA ASN A 148 2.51 14.18 -21.02
C ASN A 148 2.19 13.98 -19.56
N GLY A 149 2.86 14.75 -18.70
CA GLY A 149 2.55 14.76 -17.28
C GLY A 149 3.33 13.76 -16.46
N GLY A 150 4.36 13.20 -17.08
CA GLY A 150 5.26 12.27 -16.41
C GLY A 150 6.38 13.00 -15.70
N THR A 151 7.32 12.27 -15.11
CA THR A 151 8.47 12.92 -14.49
C THR A 151 9.76 12.38 -15.09
N GLU A 152 10.78 13.24 -15.16
CA GLU A 152 12.10 12.82 -15.61
C GLU A 152 12.70 11.76 -14.66
N LEU A 153 12.41 11.86 -13.36
CA LEU A 153 12.92 10.89 -12.40
C LEU A 153 12.42 9.47 -12.73
N CYS A 154 11.10 9.32 -12.93
CA CYS A 154 10.53 8.04 -13.33
C CYS A 154 11.09 7.54 -14.66
N ALA A 155 11.26 8.45 -15.62
CA ALA A 155 11.88 8.11 -16.90
C ALA A 155 13.29 7.56 -16.69
N TYR A 156 14.04 8.20 -15.80
CA TYR A 156 15.40 7.81 -15.49
C TYR A 156 15.43 6.46 -14.79
N MET A 157 14.51 6.27 -13.83
CA MET A 157 14.42 5.00 -13.10
C MET A 157 14.07 3.83 -14.01
N LYS A 158 13.27 4.09 -15.05
CA LYS A 158 13.01 3.08 -16.07
C LYS A 158 14.28 2.81 -16.88
N GLN A 159 14.95 3.88 -17.29
CA GLN A 159 16.14 3.81 -18.15
C GLN A 159 17.29 3.07 -17.47
N ASN A 160 17.58 3.41 -16.21
CA ASN A 160 18.73 2.80 -15.52
C ASN A 160 18.44 1.45 -14.86
N GLY A 161 17.17 1.05 -14.84
CA GLY A 161 16.78 -0.26 -14.34
C GLY A 161 16.71 -0.38 -12.83
N GLY A 162 16.92 0.73 -12.14
CA GLY A 162 16.99 0.75 -10.68
C GLY A 162 15.79 0.15 -9.94
N TYR A 163 14.57 0.43 -10.41
CA TYR A 163 13.36 -0.12 -9.79
C TYR A 163 13.26 -1.62 -10.07
N VAL A 164 13.36 -1.97 -11.35
CA VAL A 164 13.24 -3.37 -11.79
C VAL A 164 14.30 -4.26 -11.14
N ASN A 165 15.56 -3.81 -11.16
CA ASN A 165 16.67 -4.55 -10.56
C ASN A 165 16.67 -4.55 -9.02
N GLY A 166 16.23 -3.44 -8.44
CA GLY A 166 16.13 -3.32 -6.99
C GLY A 166 15.07 -4.26 -6.45
N VAL A 167 13.92 -4.29 -7.10
CA VAL A 167 12.84 -5.22 -6.73
C VAL A 167 13.28 -6.68 -6.89
N GLY A 168 13.88 -7.03 -8.02
CA GLY A 168 14.32 -8.41 -8.24
C GLY A 168 15.32 -8.84 -7.19
N TYR A 169 16.19 -7.91 -6.80
CA TYR A 169 17.22 -8.18 -5.79
C TYR A 169 16.60 -8.44 -4.39
N ALA A 170 15.66 -7.59 -3.99
CA ALA A 170 14.88 -7.81 -2.77
C ALA A 170 14.17 -9.16 -2.81
N LEU A 171 13.55 -9.47 -3.95
CA LEU A 171 12.78 -10.72 -4.08
C LEU A 171 13.66 -11.95 -3.87
N ARG A 172 14.82 -11.98 -4.53
CA ARG A 172 15.76 -13.09 -4.36
C ARG A 172 16.35 -13.16 -2.95
N LYS A 173 16.92 -12.04 -2.47
CA LYS A 173 17.59 -12.00 -1.16
C LYS A 173 16.69 -12.37 -0.01
N LEU A 174 15.44 -11.91 -0.06
CA LEU A 174 14.49 -12.23 0.99
C LEU A 174 13.73 -13.51 0.73
N GLY A 175 13.41 -13.77 -0.54
CA GLY A 175 12.67 -14.97 -0.94
C GLY A 175 13.38 -16.30 -0.70
N GLU A 176 14.70 -16.28 -0.63
CA GLU A 176 15.45 -17.53 -0.45
C GLU A 176 15.52 -17.92 1.04
N ILE A 177 15.03 -17.04 1.91
CA ILE A 177 14.94 -17.28 3.34
C ILE A 177 13.67 -18.11 3.58
N PRO A 178 13.77 -19.20 4.35
CA PRO A 178 12.70 -20.22 4.41
C PRO A 178 11.35 -19.73 4.91
N ASN A 179 11.34 -18.73 5.78
CA ASN A 179 10.06 -18.29 6.34
C ASN A 179 9.61 -16.90 5.86
N VAL A 180 10.14 -16.49 4.71
CA VAL A 180 9.81 -15.19 4.10
C VAL A 180 8.86 -15.38 2.91
N TYR A 181 7.80 -14.58 2.91
CA TYR A 181 6.75 -14.64 1.91
C TYR A 181 6.64 -13.26 1.22
N ASN A 182 7.11 -13.19 -0.02
CA ASN A 182 7.18 -11.91 -0.74
C ASN A 182 5.88 -11.57 -1.45
N TYR A 183 5.42 -10.33 -1.27
CA TYR A 183 4.27 -9.80 -2.01
C TYR A 183 4.68 -8.53 -2.71
N ILE A 184 4.49 -8.49 -4.02
CA ILE A 184 4.81 -7.32 -4.84
C ILE A 184 3.66 -6.32 -4.78
N ASP A 185 3.99 -5.05 -4.63
CA ASP A 185 2.96 -4.03 -4.67
C ASP A 185 2.40 -3.88 -6.07
N ALA A 186 1.08 -3.75 -6.15
CA ALA A 186 0.36 -3.68 -7.42
C ALA A 186 -0.55 -2.46 -7.54
N ALA A 187 -0.15 -1.34 -6.94
CA ALA A 187 -0.93 -0.10 -7.05
C ALA A 187 -2.38 -0.37 -6.60
N HIS A 188 -3.35 0.20 -7.28
CA HIS A 188 -4.77 0.00 -6.99
C HIS A 188 -5.59 0.22 -8.27
N HIS A 189 -6.89 -0.09 -8.22
CA HIS A 189 -7.73 0.01 -9.42
C HIS A 189 -7.82 1.42 -10.01
N GLY A 190 -7.76 2.44 -9.14
CA GLY A 190 -7.86 3.82 -9.60
C GLY A 190 -6.52 4.36 -10.08
N TRP A 191 -5.57 3.44 -10.27
CA TRP A 191 -4.26 3.77 -10.82
C TRP A 191 -4.06 3.01 -12.13
N ILE A 192 -4.13 1.68 -12.06
CA ILE A 192 -3.78 0.85 -13.21
C ILE A 192 -4.97 0.02 -13.71
N GLY A 193 -6.17 0.42 -13.28
CA GLY A 193 -7.40 -0.27 -13.68
C GLY A 193 -7.74 -0.13 -15.15
N TRP A 194 -7.32 0.98 -15.76
CA TRP A 194 -7.58 1.24 -17.18
C TRP A 194 -6.82 0.29 -18.11
N ASP A 195 -7.42 0.03 -19.27
CA ASP A 195 -6.85 -0.80 -20.33
C ASP A 195 -5.41 -0.45 -20.68
N SER A 196 -5.13 0.84 -20.81
CA SER A 196 -3.80 1.32 -21.18
C SER A 196 -2.71 1.03 -20.14
N ASN A 197 -3.11 0.86 -18.88
CA ASN A 197 -2.16 0.67 -17.77
C ASN A 197 -2.05 -0.77 -17.29
N PHE A 198 -3.16 -1.51 -17.38
CA PHE A 198 -3.30 -2.85 -16.79
C PHE A 198 -2.26 -3.83 -17.32
N GLY A 199 -2.32 -4.11 -18.63
CA GLY A 199 -1.39 -5.04 -19.29
C GLY A 199 0.08 -4.66 -19.13
N PRO A 200 0.43 -3.39 -19.37
CA PRO A 200 1.82 -2.97 -19.12
C PRO A 200 2.29 -3.12 -17.67
N SER A 201 1.40 -2.93 -16.70
CA SER A 201 1.75 -3.20 -15.30
C SER A 201 2.08 -4.69 -15.10
N VAL A 202 1.21 -5.57 -15.59
CA VAL A 202 1.48 -7.01 -15.58
C VAL A 202 2.88 -7.32 -16.13
N ASP A 203 3.22 -6.74 -17.27
CA ASP A 203 4.55 -6.97 -17.90
C ASP A 203 5.72 -6.53 -17.03
N ILE A 204 5.61 -5.34 -16.42
CA ILE A 204 6.71 -4.84 -15.60
C ILE A 204 6.89 -5.62 -14.29
N PHE A 205 5.77 -6.09 -13.73
CA PHE A 205 5.82 -6.98 -12.55
C PHE A 205 6.60 -8.27 -12.90
N TYR A 206 6.30 -8.83 -14.07
CA TYR A 206 6.97 -10.03 -14.56
C TYR A 206 8.45 -9.76 -14.79
N GLU A 207 8.77 -8.62 -15.41
CA GLU A 207 10.16 -8.23 -15.63
C GLU A 207 10.97 -8.15 -14.31
N ALA A 208 10.40 -7.49 -13.30
CA ALA A 208 11.08 -7.36 -12.00
C ALA A 208 11.26 -8.70 -11.31
N ALA A 209 10.26 -9.56 -11.39
CA ALA A 209 10.34 -10.90 -10.83
C ALA A 209 11.44 -11.74 -11.49
N ASN A 210 11.93 -11.32 -12.65
CA ASN A 210 12.98 -12.05 -13.38
C ASN A 210 14.31 -11.32 -13.44
N ALA A 211 14.38 -10.20 -12.73
CA ALA A 211 15.58 -9.38 -12.69
C ALA A 211 16.44 -9.76 -11.48
N SER A 212 17.75 -9.49 -11.59
CA SER A 212 18.70 -9.63 -10.48
C SER A 212 18.75 -11.03 -9.88
N GLY A 213 18.53 -12.03 -10.73
CA GLY A 213 18.61 -13.42 -10.31
C GLY A 213 17.31 -13.97 -9.79
N SER A 214 16.27 -13.14 -9.75
CA SER A 214 14.96 -13.58 -9.28
C SER A 214 14.23 -14.42 -10.34
N THR A 215 13.30 -15.25 -9.88
CA THR A 215 12.27 -15.82 -10.76
C THR A 215 10.91 -15.63 -10.08
N VAL A 216 9.84 -15.95 -10.82
CA VAL A 216 8.47 -15.87 -10.27
C VAL A 216 8.27 -16.73 -9.01
N ASP A 217 9.15 -17.70 -8.80
CA ASP A 217 9.07 -18.57 -7.62
C ASP A 217 9.43 -17.88 -6.29
N TYR A 218 9.91 -16.65 -6.36
CA TYR A 218 10.14 -15.87 -5.14
C TYR A 218 8.95 -14.98 -4.79
N VAL A 219 7.87 -15.10 -5.57
CA VAL A 219 6.73 -14.21 -5.41
C VAL A 219 5.52 -15.00 -4.91
N HIS A 220 5.16 -14.75 -3.66
CA HIS A 220 4.01 -15.40 -3.04
C HIS A 220 2.69 -14.78 -3.47
N GLY A 221 2.75 -13.51 -3.89
CA GLY A 221 1.54 -12.81 -4.31
C GLY A 221 1.75 -11.32 -4.54
N PHE A 222 0.64 -10.59 -4.52
CA PHE A 222 0.65 -9.15 -4.81
C PHE A 222 -0.28 -8.44 -3.84
N ILE A 223 0.01 -7.17 -3.55
CA ILE A 223 -0.86 -6.38 -2.71
C ILE A 223 -1.36 -5.14 -3.44
N SER A 224 -2.66 -4.87 -3.33
CA SER A 224 -3.20 -3.63 -3.87
C SER A 224 -3.68 -2.67 -2.77
N ASN A 225 -3.82 -1.40 -3.13
CA ASN A 225 -4.43 -0.40 -2.25
C ASN A 225 -3.56 0.02 -1.07
N THR A 226 -2.25 -0.30 -1.14
CA THR A 226 -1.35 0.04 -0.04
C THR A 226 -1.29 1.54 0.17
N ALA A 227 -1.56 1.97 1.40
CA ALA A 227 -1.68 3.40 1.73
C ALA A 227 -2.69 4.17 0.87
N ASN A 228 -3.62 3.46 0.24
CA ASN A 228 -4.66 4.14 -0.54
C ASN A 228 -6.04 3.93 0.09
N TYR A 229 -7.09 4.38 -0.60
CA TYR A 229 -8.41 4.50 -0.03
C TYR A 229 -9.49 3.89 -0.92
N SER A 230 -9.09 3.21 -1.99
CA SER A 230 -10.07 2.66 -2.93
C SER A 230 -10.92 1.61 -2.21
N ALA A 231 -12.20 1.57 -2.56
CA ALA A 231 -13.15 0.67 -1.90
C ALA A 231 -12.78 -0.78 -2.21
N THR A 232 -12.90 -1.65 -1.22
CA THR A 232 -12.75 -3.09 -1.46
C THR A 232 -13.85 -3.54 -2.41
N VAL A 233 -15.10 -3.26 -2.05
CA VAL A 233 -16.27 -3.52 -2.89
C VAL A 233 -17.17 -2.30 -2.88
N GLU A 234 -17.62 -1.89 -4.07
CA GLU A 234 -18.68 -0.89 -4.17
C GLU A 234 -20.03 -1.60 -4.22
N PRO A 235 -20.77 -1.58 -3.09
CA PRO A 235 -21.95 -2.44 -2.97
C PRO A 235 -23.14 -1.99 -3.82
N TYR A 236 -23.16 -0.73 -4.25
CA TYR A 236 -24.29 -0.18 -5.00
C TYR A 236 -23.89 0.31 -6.38
N LEU A 237 -22.70 -0.11 -6.82
CA LEU A 237 -22.14 0.34 -8.07
C LEU A 237 -21.68 -0.86 -8.91
N ASP A 238 -22.19 -0.92 -10.13
CA ASP A 238 -21.83 -1.97 -11.08
C ASP A 238 -21.11 -1.32 -12.26
N VAL A 239 -19.86 -1.73 -12.48
CA VAL A 239 -19.02 -1.13 -13.52
C VAL A 239 -19.60 -1.36 -14.92
N ASN A 240 -20.31 -2.47 -15.08
CA ASN A 240 -20.90 -2.86 -16.36
C ASN A 240 -22.32 -2.34 -16.55
N GLY A 241 -22.90 -1.79 -15.48
CA GLY A 241 -24.29 -1.34 -15.49
C GLY A 241 -24.53 -0.04 -16.23
N THR A 242 -25.74 0.49 -16.07
CA THR A 242 -26.15 1.68 -16.79
C THR A 242 -27.24 2.47 -16.05
N VAL A 243 -27.18 3.79 -16.17
CA VAL A 243 -28.19 4.66 -15.58
C VAL A 243 -28.94 5.35 -16.71
N ASN A 244 -30.15 4.86 -16.99
CA ASN A 244 -31.06 5.48 -17.95
C ASN A 244 -30.38 5.72 -19.31
N GLY A 245 -29.91 4.64 -19.92
CA GLY A 245 -29.11 4.74 -21.15
C GLY A 245 -27.63 4.84 -20.87
N GLN A 246 -27.19 5.97 -20.34
CA GLN A 246 -25.77 6.27 -20.10
C GLN A 246 -25.05 5.21 -19.28
N LEU A 247 -23.93 4.70 -19.81
CA LEU A 247 -23.11 3.69 -19.13
C LEU A 247 -22.48 4.23 -17.84
N ILE A 248 -22.30 3.36 -16.86
CA ILE A 248 -21.59 3.70 -15.61
C ILE A 248 -20.17 4.21 -15.89
N ARG A 249 -19.49 3.59 -16.86
CA ARG A 249 -18.15 3.98 -17.27
C ARG A 249 -18.01 5.41 -17.79
N GLN A 250 -19.13 5.98 -18.23
CA GLN A 250 -19.14 7.33 -18.81
C GLN A 250 -19.17 8.41 -17.72
N SER A 251 -19.41 8.00 -16.48
CA SER A 251 -19.42 8.93 -15.36
C SER A 251 -18.06 9.57 -15.12
N LYS A 252 -18.08 10.77 -14.56
CA LYS A 252 -16.87 11.49 -14.19
C LYS A 252 -15.98 10.67 -13.24
N TRP A 253 -16.61 9.92 -12.33
CA TRP A 253 -15.89 9.13 -11.34
C TRP A 253 -15.17 7.93 -11.94
N VAL A 254 -15.91 7.13 -12.72
CA VAL A 254 -15.37 5.90 -13.28
C VAL A 254 -14.42 6.21 -14.44
N ASP A 255 -14.85 7.10 -15.33
CA ASP A 255 -14.00 7.62 -16.40
C ASP A 255 -13.31 6.53 -17.21
N TRP A 256 -14.11 5.57 -17.66
CA TRP A 256 -13.65 4.49 -18.55
C TRP A 256 -12.74 3.45 -17.90
N ASN A 257 -12.57 3.54 -16.58
CA ASN A 257 -11.90 2.49 -15.82
C ASN A 257 -12.58 1.15 -16.08
N GLN A 258 -11.79 0.09 -16.13
CA GLN A 258 -12.31 -1.27 -16.19
C GLN A 258 -12.97 -1.68 -14.85
N TYR A 259 -12.58 -1.03 -13.76
CA TYR A 259 -13.05 -1.41 -12.41
C TYR A 259 -13.55 -0.24 -11.58
N VAL A 260 -14.43 -0.52 -10.61
CA VAL A 260 -14.86 0.51 -9.64
C VAL A 260 -14.40 0.20 -8.21
N ASP A 261 -13.79 -0.96 -8.01
CA ASP A 261 -13.32 -1.36 -6.68
C ASP A 261 -12.07 -2.25 -6.71
N GLU A 262 -11.53 -2.53 -5.53
CA GLU A 262 -10.28 -3.30 -5.42
C GLU A 262 -10.47 -4.80 -5.62
N LEU A 263 -11.59 -5.34 -5.17
CA LEU A 263 -11.78 -6.80 -5.23
C LEU A 263 -11.80 -7.32 -6.68
N SER A 264 -12.69 -6.75 -7.51
CA SER A 264 -12.78 -7.16 -8.91
C SER A 264 -11.45 -6.95 -9.59
N PHE A 265 -10.80 -5.84 -9.23
CA PHE A 265 -9.48 -5.51 -9.76
C PHE A 265 -8.41 -6.59 -9.46
N VAL A 266 -8.25 -6.95 -8.19
CA VAL A 266 -7.19 -7.92 -7.85
C VAL A 266 -7.51 -9.32 -8.35
N GLN A 267 -8.80 -9.66 -8.41
CA GLN A 267 -9.18 -10.97 -8.91
C GLN A 267 -8.85 -11.12 -10.40
N ASP A 268 -9.15 -10.09 -11.19
CA ASP A 268 -8.74 -10.05 -12.60
C ASP A 268 -7.23 -9.98 -12.75
N LEU A 269 -6.59 -9.18 -11.89
CA LEU A 269 -5.14 -9.02 -11.97
C LEU A 269 -4.46 -10.36 -11.67
N ARG A 270 -4.99 -11.07 -10.68
CA ARG A 270 -4.48 -12.39 -10.32
C ARG A 270 -4.46 -13.30 -11.55
N GLN A 271 -5.57 -13.32 -12.29
CA GLN A 271 -5.69 -14.16 -13.47
C GLN A 271 -4.73 -13.76 -14.58
N ALA A 272 -4.56 -12.46 -14.80
CA ALA A 272 -3.60 -11.95 -15.78
C ALA A 272 -2.16 -12.36 -15.43
N LEU A 273 -1.83 -12.24 -14.15
CA LEU A 273 -0.47 -12.53 -13.67
C LEU A 273 -0.12 -14.01 -13.85
N ILE A 274 -1.05 -14.88 -13.49
CA ILE A 274 -0.91 -16.33 -13.73
C ILE A 274 -0.71 -16.60 -15.23
N ALA A 275 -1.56 -16.01 -16.07
CA ALA A 275 -1.43 -16.12 -17.53
C ALA A 275 -0.06 -15.63 -18.04
N LYS A 276 0.47 -14.58 -17.42
CA LYS A 276 1.80 -14.07 -17.78
C LYS A 276 2.94 -15.04 -17.40
N GLY A 277 2.70 -15.89 -16.41
CA GLY A 277 3.73 -16.84 -15.96
C GLY A 277 3.98 -16.85 -14.46
N PHE A 278 3.25 -16.06 -13.69
CA PHE A 278 3.35 -16.17 -12.22
C PHE A 278 2.72 -17.48 -11.77
N ARG A 279 3.08 -17.97 -10.58
CA ARG A 279 2.57 -19.24 -10.07
C ARG A 279 1.05 -19.22 -9.93
N SER A 280 0.43 -20.36 -10.21
CA SER A 280 -1.03 -20.45 -10.13
C SER A 280 -1.53 -20.41 -8.67
N ASP A 281 -0.64 -20.59 -7.71
CA ASP A 281 -1.03 -20.52 -6.31
C ASP A 281 -0.72 -19.17 -5.64
N ILE A 282 -0.51 -18.12 -6.45
CA ILE A 282 -0.33 -16.78 -5.90
C ILE A 282 -1.64 -16.33 -5.23
N GLY A 283 -1.52 -15.43 -4.26
CA GLY A 283 -2.71 -14.87 -3.63
C GLY A 283 -2.54 -13.36 -3.53
N MET A 284 -3.68 -12.67 -3.46
CA MET A 284 -3.71 -11.21 -3.43
C MET A 284 -3.94 -10.67 -2.03
N LEU A 285 -3.33 -9.53 -1.72
CA LEU A 285 -3.66 -8.81 -0.48
C LEU A 285 -4.33 -7.50 -0.84
N ILE A 286 -5.21 -7.04 0.05
CA ILE A 286 -5.76 -5.69 -0.07
C ILE A 286 -5.54 -4.96 1.25
N ASP A 287 -4.86 -3.82 1.17
CA ASP A 287 -4.70 -2.97 2.33
C ASP A 287 -6.03 -2.27 2.63
N THR A 288 -6.64 -2.65 3.75
CA THR A 288 -7.95 -2.09 4.13
C THR A 288 -7.83 -1.15 5.33
N SER A 289 -6.61 -0.71 5.59
CA SER A 289 -6.34 0.17 6.72
C SER A 289 -7.25 1.40 6.72
N ARG A 290 -7.51 1.95 5.54
CA ARG A 290 -8.18 3.25 5.49
C ARG A 290 -9.29 3.38 4.43
N ASN A 291 -9.88 2.25 4.05
CA ASN A 291 -10.84 2.23 2.96
C ASN A 291 -12.29 1.86 3.33
N GLY A 292 -12.65 1.95 4.60
CA GLY A 292 -14.00 1.58 5.06
C GLY A 292 -15.08 2.56 4.65
N TRP A 293 -14.74 3.85 4.57
CA TRP A 293 -15.67 4.88 4.12
C TRP A 293 -17.01 4.81 4.87
N GLY A 294 -16.93 4.70 6.20
CA GLY A 294 -18.11 4.59 7.05
C GLY A 294 -18.48 5.92 7.68
N GLY A 295 -19.37 5.87 8.68
CA GLY A 295 -19.86 7.08 9.34
C GLY A 295 -21.12 7.58 8.66
N PRO A 296 -21.65 8.73 9.11
CA PRO A 296 -22.93 9.30 8.62
C PRO A 296 -23.01 9.59 7.11
N ASN A 297 -21.86 9.82 6.46
CA ASN A 297 -21.86 10.13 5.02
C ASN A 297 -21.93 8.92 4.09
N ARG A 298 -21.81 7.73 4.66
CA ARG A 298 -21.83 6.50 3.87
C ARG A 298 -23.22 6.28 3.27
N PRO A 299 -23.29 6.05 1.94
CA PRO A 299 -24.55 5.68 1.29
C PRO A 299 -25.14 4.45 1.96
N THR A 300 -26.46 4.45 2.14
CA THR A 300 -27.15 3.31 2.74
C THR A 300 -27.82 2.44 1.68
N GLY A 301 -27.64 2.81 0.41
CA GLY A 301 -28.20 2.10 -0.71
C GLY A 301 -28.01 2.85 -2.02
N PRO A 302 -28.38 2.22 -3.15
CA PRO A 302 -28.23 2.88 -4.45
C PRO A 302 -29.14 4.10 -4.57
N SER A 303 -28.65 5.12 -5.27
CA SER A 303 -29.38 6.36 -5.51
C SER A 303 -30.64 6.13 -6.34
N SER A 304 -31.67 6.95 -6.12
CA SER A 304 -32.89 6.85 -6.90
C SER A 304 -32.82 7.73 -8.16
N SER A 305 -31.77 8.56 -8.23
CA SER A 305 -31.55 9.46 -9.37
C SER A 305 -31.45 8.73 -10.72
N THR A 306 -31.88 9.41 -11.78
CA THR A 306 -31.81 8.89 -13.15
C THR A 306 -30.74 9.62 -13.97
N ASP A 307 -30.09 10.62 -13.35
CA ASP A 307 -28.93 11.29 -13.95
C ASP A 307 -27.66 10.50 -13.61
N LEU A 308 -26.83 10.26 -14.63
CA LEU A 308 -25.65 9.40 -14.49
C LEU A 308 -24.73 9.80 -13.32
N ASN A 309 -24.19 11.01 -13.39
CA ASN A 309 -23.25 11.46 -12.37
C ASN A 309 -23.85 11.58 -10.98
N THR A 310 -25.12 11.98 -10.91
CA THR A 310 -25.81 12.04 -9.63
C THR A 310 -25.95 10.65 -9.03
N TYR A 311 -26.32 9.66 -9.84
CA TYR A 311 -26.46 8.30 -9.35
C TYR A 311 -25.12 7.76 -8.83
N VAL A 312 -24.07 7.87 -9.65
CA VAL A 312 -22.74 7.37 -9.29
C VAL A 312 -22.22 8.04 -8.01
N ASP A 313 -22.26 9.37 -7.97
CA ASP A 313 -21.74 10.14 -6.83
C ASP A 313 -22.52 9.94 -5.53
N GLU A 314 -23.82 9.67 -5.65
CA GLU A 314 -24.65 9.38 -4.48
C GLU A 314 -24.58 7.91 -4.04
N SER A 315 -24.12 7.04 -4.93
CA SER A 315 -24.11 5.60 -4.67
C SER A 315 -22.76 5.04 -4.21
N ARG A 316 -21.67 5.73 -4.56
CA ARG A 316 -20.31 5.27 -4.25
C ARG A 316 -19.90 5.48 -2.80
N ILE A 317 -19.27 4.49 -2.19
CA ILE A 317 -18.81 4.63 -0.81
C ILE A 317 -17.48 5.40 -0.74
N ASP A 318 -16.62 5.18 -1.73
CA ASP A 318 -15.41 5.98 -1.90
C ASP A 318 -15.85 7.39 -2.29
N ARG A 319 -15.71 8.34 -1.37
CA ARG A 319 -16.28 9.68 -1.55
C ARG A 319 -15.30 10.75 -2.01
N ARG A 320 -14.10 10.32 -2.42
CA ARG A 320 -13.09 11.24 -2.91
C ARG A 320 -13.56 12.03 -4.13
N ILE A 321 -12.99 13.23 -4.33
CA ILE A 321 -13.34 14.04 -5.51
C ILE A 321 -12.88 13.34 -6.79
N HIS A 322 -11.66 12.79 -6.73
CA HIS A 322 -11.05 12.11 -7.86
C HIS A 322 -10.29 10.87 -7.36
N PRO A 323 -10.31 9.76 -8.12
CA PRO A 323 -9.58 8.55 -7.66
C PRO A 323 -8.07 8.77 -7.51
N GLY A 324 -7.52 9.77 -8.20
CA GLY A 324 -6.11 10.11 -8.13
C GLY A 324 -5.69 10.90 -6.88
N ASN A 325 -6.67 11.29 -6.07
CA ASN A 325 -6.39 11.98 -4.81
C ASN A 325 -5.94 10.99 -3.74
N TRP A 326 -4.63 10.96 -3.46
CA TRP A 326 -4.01 9.89 -2.68
C TRP A 326 -3.57 10.28 -1.26
N CYS A 327 -3.54 11.58 -0.95
CA CYS A 327 -2.94 12.02 0.30
C CYS A 327 -3.93 12.41 1.40
N ASN A 328 -3.73 11.82 2.56
CA ASN A 328 -4.44 12.19 3.79
C ASN A 328 -5.88 12.54 3.52
N GLN A 329 -6.61 11.61 2.92
CA GLN A 329 -7.90 11.96 2.31
C GLN A 329 -8.99 12.25 3.34
N ALA A 330 -9.61 13.41 3.21
CA ALA A 330 -10.62 13.87 4.15
C ALA A 330 -11.84 12.97 4.13
N GLY A 331 -12.30 12.59 5.32
CA GLY A 331 -13.51 11.76 5.47
C GLY A 331 -13.30 10.25 5.46
N ALA A 332 -12.06 9.81 5.19
CA ALA A 332 -11.74 8.38 5.20
C ALA A 332 -12.00 7.71 6.56
N GLY A 333 -12.39 6.43 6.53
CA GLY A 333 -12.50 5.65 7.75
C GLY A 333 -11.66 4.38 7.69
N LEU A 334 -11.35 3.80 8.85
CA LEU A 334 -10.76 2.47 8.92
C LEU A 334 -11.62 1.49 8.16
N GLY A 335 -10.99 0.57 7.46
CA GLY A 335 -11.71 -0.46 6.72
C GLY A 335 -11.79 -1.75 7.51
N GLU A 336 -12.11 -2.84 6.83
CA GLU A 336 -12.20 -4.14 7.46
C GLU A 336 -10.89 -4.45 8.18
N ARG A 337 -11.01 -4.94 9.41
CA ARG A 337 -9.86 -5.37 10.19
C ARG A 337 -9.23 -6.60 9.51
N PRO A 338 -7.93 -6.85 9.77
CA PRO A 338 -7.26 -7.93 9.06
C PRO A 338 -8.00 -9.26 9.14
N THR A 339 -8.18 -9.87 7.96
CA THR A 339 -9.03 -11.04 7.80
C THR A 339 -8.36 -12.03 6.85
N VAL A 340 -8.38 -13.32 7.22
CA VAL A 340 -7.83 -14.37 6.38
C VAL A 340 -8.79 -14.76 5.24
N ASN A 341 -8.24 -14.91 4.02
CA ASN A 341 -8.99 -15.41 2.85
C ASN A 341 -10.46 -14.94 2.77
N PRO A 342 -10.69 -13.62 2.73
CA PRO A 342 -12.05 -13.08 2.74
C PRO A 342 -12.82 -13.27 1.43
N ALA A 343 -12.10 -13.56 0.35
CA ALA A 343 -12.69 -13.59 -0.98
C ALA A 343 -11.84 -14.46 -1.89
N PRO A 344 -12.42 -14.97 -3.00
CA PRO A 344 -11.69 -15.83 -3.94
C PRO A 344 -10.40 -15.18 -4.46
N GLY A 345 -9.28 -15.89 -4.29
CA GLY A 345 -7.96 -15.40 -4.74
C GLY A 345 -7.27 -14.42 -3.81
N VAL A 346 -7.93 -14.11 -2.69
CA VAL A 346 -7.40 -13.13 -1.74
C VAL A 346 -6.89 -13.82 -0.46
N ASP A 347 -5.57 -13.77 -0.25
CA ASP A 347 -4.94 -14.34 0.96
C ASP A 347 -5.43 -13.67 2.25
N ALA A 348 -5.56 -12.35 2.23
CA ALA A 348 -5.96 -11.58 3.40
C ALA A 348 -6.31 -10.15 3.06
N TYR A 349 -7.24 -9.58 3.82
CA TYR A 349 -7.28 -8.13 3.99
C TYR A 349 -6.30 -7.80 5.12
N VAL A 350 -5.54 -6.73 4.93
CA VAL A 350 -4.47 -6.37 5.87
C VAL A 350 -4.39 -4.86 6.10
N TRP A 351 -3.78 -4.48 7.20
CA TRP A 351 -3.47 -3.10 7.52
C TRP A 351 -1.97 -2.93 7.35
N VAL A 352 -1.56 -2.43 6.18
CA VAL A 352 -0.14 -2.26 5.86
C VAL A 352 0.27 -0.83 6.19
N LYS A 353 -0.38 0.15 5.57
CA LYS A 353 -0.26 1.54 6.04
C LYS A 353 -0.84 1.61 7.46
N PRO A 354 -0.02 2.03 8.45
CA PRO A 354 -0.55 2.04 9.81
C PRO A 354 -1.45 3.24 10.04
N PRO A 355 -2.72 3.01 10.42
CA PRO A 355 -3.68 4.11 10.58
C PRO A 355 -3.16 5.18 11.55
N GLY A 356 -3.24 6.44 11.16
CA GLY A 356 -2.75 7.55 11.99
C GLY A 356 -1.40 8.09 11.55
N GLU A 357 -0.69 7.34 10.71
CA GLU A 357 0.58 7.81 10.14
C GLU A 357 0.32 8.57 8.84
N SER A 358 0.83 9.80 8.77
CA SER A 358 0.54 10.72 7.67
C SER A 358 1.07 10.24 6.30
N ASP A 359 0.37 10.64 5.23
CA ASP A 359 0.82 10.36 3.87
C ASP A 359 1.83 11.38 3.36
N GLY A 360 1.99 12.47 4.11
CA GLY A 360 2.79 13.59 3.64
C GLY A 360 2.42 14.92 4.28
N ALA A 361 3.39 15.83 4.33
CA ALA A 361 3.21 17.13 4.95
C ALA A 361 2.31 18.02 4.12
N SER A 362 1.43 18.77 4.79
CA SER A 362 0.52 19.68 4.10
C SER A 362 1.21 21.02 3.78
N GLU A 363 2.44 21.17 4.26
CA GLU A 363 3.27 22.35 4.03
C GLU A 363 4.75 21.99 4.12
N GLU A 364 5.59 22.99 3.94
CA GLU A 364 7.03 22.86 4.06
C GLU A 364 7.43 22.58 5.50
N ILE A 365 7.99 21.39 5.74
CA ILE A 365 8.52 21.06 7.07
C ILE A 365 9.94 20.48 6.93
N PRO A 366 10.94 21.19 7.50
CA PRO A 366 12.36 20.78 7.47
C PRO A 366 12.60 19.40 8.09
N ASN A 367 13.37 18.57 7.38
CA ASN A 367 13.63 17.18 7.80
C ASN A 367 14.89 16.57 7.18
N ASP A 368 15.39 15.50 7.81
CA ASP A 368 16.55 14.76 7.31
C ASP A 368 16.16 13.45 6.62
N GLU A 369 14.90 13.34 6.22
CA GLU A 369 14.35 12.09 5.68
C GLU A 369 14.35 12.00 4.16
N GLY A 370 14.72 13.10 3.50
CA GLY A 370 14.73 13.17 2.05
C GLY A 370 13.37 13.50 1.47
N LYS A 371 12.46 13.96 2.34
CA LYS A 371 11.06 14.16 1.96
C LYS A 371 10.76 15.62 1.66
N GLY A 372 10.15 15.87 0.50
CA GLY A 372 9.80 17.21 0.09
C GLY A 372 8.35 17.53 0.38
N PHE A 373 7.95 18.73 0.00
CA PHE A 373 6.56 19.14 0.14
C PHE A 373 5.81 18.85 -1.15
N ASP A 374 4.95 17.83 -1.11
CA ASP A 374 4.14 17.47 -2.25
C ASP A 374 2.80 18.18 -2.16
N ARG A 375 2.46 18.94 -3.19
CA ARG A 375 1.25 19.76 -3.15
C ARG A 375 -0.06 18.94 -3.15
N MET A 376 0.00 17.68 -3.55
CA MET A 376 -1.17 16.79 -3.46
C MET A 376 -1.60 16.55 -2.00
N CYS A 377 -0.70 16.91 -1.07
CA CYS A 377 -0.98 16.83 0.36
C CYS A 377 -1.40 18.20 0.94
N ASP A 378 -1.36 19.21 0.07
CA ASP A 378 -1.76 20.58 0.42
C ASP A 378 -3.26 20.70 0.15
N PRO A 379 -4.04 20.93 1.21
CA PRO A 379 -5.50 21.03 1.04
C PRO A 379 -5.93 22.09 0.01
N THR A 380 -5.14 23.15 -0.14
CA THR A 380 -5.53 24.29 -1.00
C THR A 380 -5.13 24.09 -2.46
N TYR A 381 -4.41 23.01 -2.73
CA TYR A 381 -3.90 22.71 -4.08
C TYR A 381 -5.02 22.35 -5.04
N GLN A 382 -5.01 22.99 -6.21
CA GLN A 382 -6.10 22.84 -7.17
C GLN A 382 -5.86 21.76 -8.22
N GLY A 383 -4.82 20.96 -8.01
CA GLY A 383 -4.62 19.76 -8.81
C GLY A 383 -3.80 19.92 -10.07
N ASN A 384 -3.89 18.91 -10.94
CA ASN A 384 -3.12 18.83 -12.17
C ASN A 384 -3.75 17.84 -13.14
N ALA A 385 -2.94 17.31 -14.05
CA ALA A 385 -3.37 16.30 -15.01
C ALA A 385 -3.78 14.98 -14.36
N ARG A 386 -2.92 14.47 -13.47
CA ARG A 386 -3.10 13.16 -12.79
C ARG A 386 -4.21 13.13 -11.72
N ASN A 387 -5.05 14.17 -11.66
CA ASN A 387 -6.21 14.18 -10.76
C ASN A 387 -7.40 14.97 -11.33
N GLY A 388 -7.34 15.23 -12.64
CA GLY A 388 -8.40 15.95 -13.35
C GLY A 388 -8.57 17.40 -12.94
N ASN A 389 -7.48 18.04 -12.52
CA ASN A 389 -7.47 19.44 -12.08
C ASN A 389 -8.48 19.74 -10.96
N ASN A 390 -8.46 18.88 -9.94
CA ASN A 390 -9.39 18.95 -8.82
C ASN A 390 -8.68 19.37 -7.54
N PRO A 391 -9.43 19.93 -6.56
CA PRO A 391 -8.82 20.08 -5.25
C PRO A 391 -8.27 18.73 -4.75
N SER A 392 -7.20 18.79 -3.95
CA SER A 392 -6.48 17.60 -3.49
C SER A 392 -7.28 16.67 -2.56
N GLY A 393 -8.21 17.25 -1.80
CA GLY A 393 -9.01 16.50 -0.83
C GLY A 393 -8.26 16.08 0.42
N ALA A 394 -7.04 16.60 0.57
CA ALA A 394 -6.16 16.23 1.65
C ALA A 394 -6.47 17.00 2.95
N LEU A 395 -6.32 16.32 4.08
CA LEU A 395 -6.53 16.93 5.41
C LEU A 395 -5.53 18.04 5.73
N PRO A 396 -6.02 19.15 6.32
CA PRO A 396 -5.14 20.27 6.71
C PRO A 396 -4.25 19.94 7.91
N ASN A 397 -3.14 20.67 8.02
CA ASN A 397 -2.20 20.56 9.14
C ASN A 397 -1.67 19.14 9.35
N ALA A 398 -1.21 18.55 8.26
CA ALA A 398 -0.65 17.21 8.25
C ALA A 398 0.86 17.24 8.46
N PRO A 399 1.40 16.30 9.26
CA PRO A 399 2.84 16.23 9.44
C PRO A 399 3.54 15.44 8.33
N ILE A 400 4.87 15.39 8.38
CA ILE A 400 5.68 14.65 7.42
C ILE A 400 5.17 13.20 7.30
N SER A 401 5.25 12.62 6.11
CA SER A 401 4.81 11.24 5.90
C SER A 401 5.40 10.31 6.97
N GLY A 402 4.53 9.51 7.57
CA GLY A 402 4.95 8.50 8.55
C GLY A 402 4.88 9.05 9.95
N HIS A 403 4.79 10.37 10.09
CA HIS A 403 4.67 10.99 11.41
C HIS A 403 3.24 10.85 11.89
N TRP A 404 3.06 10.87 13.20
CA TRP A 404 1.74 10.68 13.79
C TRP A 404 0.81 11.86 13.52
N PHE A 405 -0.40 11.55 13.06
CA PHE A 405 -1.36 12.54 12.62
C PHE A 405 -2.64 12.32 13.41
N SER A 406 -2.73 12.95 14.59
CA SER A 406 -3.84 12.75 15.52
CA SER A 406 -3.83 12.74 15.51
C SER A 406 -5.21 12.91 14.86
N ALA A 407 -5.40 14.01 14.14
CA ALA A 407 -6.68 14.33 13.52
C ALA A 407 -7.13 13.27 12.53
N GLN A 408 -6.19 12.76 11.74
CA GLN A 408 -6.50 11.70 10.80
C GLN A 408 -6.85 10.40 11.51
N PHE A 409 -6.09 10.05 12.54
CA PHE A 409 -6.42 8.86 13.31
C PHE A 409 -7.84 8.94 13.87
N ARG A 410 -8.19 10.10 14.42
CA ARG A 410 -9.50 10.26 15.06
C ARG A 410 -10.65 10.15 14.07
N GLU A 411 -10.46 10.69 12.88
CA GLU A 411 -11.49 10.58 11.86
C GLU A 411 -11.61 9.17 11.30
N LEU A 412 -10.46 8.52 11.08
CA LEU A 412 -10.47 7.13 10.62
C LEU A 412 -11.24 6.26 11.62
N LEU A 413 -10.96 6.47 12.90
CA LEU A 413 -11.62 5.74 13.97
C LEU A 413 -13.13 5.96 13.93
N ALA A 414 -13.54 7.24 13.84
CA ALA A 414 -14.95 7.62 13.80
C ALA A 414 -15.67 7.02 12.60
N ASN A 415 -14.98 6.95 11.47
CA ASN A 415 -15.56 6.48 10.21
C ASN A 415 -15.30 5.02 9.88
N ALA A 416 -14.88 4.25 10.88
CA ALA A 416 -14.63 2.82 10.70
C ALA A 416 -15.81 2.10 10.06
N TYR A 417 -15.52 1.30 9.03
CA TYR A 417 -16.51 0.37 8.49
C TYR A 417 -15.92 -1.01 8.18
N PRO A 418 -16.51 -2.09 8.75
CA PRO A 418 -17.70 -2.09 9.62
C PRO A 418 -17.47 -1.35 10.95
N PRO A 419 -18.55 -0.90 11.62
CA PRO A 419 -18.39 -0.21 12.91
C PRO A 419 -17.67 -1.08 13.93
N LEU A 420 -16.99 -0.43 14.88
CA LEU A 420 -16.14 -1.14 15.86
C LEU A 420 -16.93 -1.78 17.00
#